data_8OYH
#
_entry.id   8OYH
#
_cell.length_a   131.245
_cell.length_b   131.245
_cell.length_c   154.618
_cell.angle_alpha   90.000
_cell.angle_beta   90.000
_cell.angle_gamma   120.000
#
_symmetry.space_group_name_H-M   'P 65 2 2'
#
loop_
_entity.id
_entity.type
_entity.pdbx_description
1 polymer Furin
2 polymer Guanidinomethyl-Phac-Can-Tle-Can-6-(aminomethyl)-3-amino-isoindol
3 non-polymer 'CALCIUM ION'
4 non-polymer 'SODIUM ION'
5 non-polymer 'CHLORIDE ION'
6 non-polymer 'DIMETHYL SULFOXIDE'
7 water water
#
loop_
_entity_poly.entity_id
_entity_poly.type
_entity_poly.pdbx_seq_one_letter_code
_entity_poly.pdbx_strand_id
1 'polypeptide(L)'
;DVYQEPTDPKFPQQWYLSGVTQRDLNVKAAWAQGYTGHGIVVSILDDGIEKNHPDLAGNYDPGASFDVNDQDPDPQPRYT
QMNDNRHGTRCAGEVAAVANNGVCGVGVAYNARIGGVRMLDGEVTDAVEARSLGLNPNHIHIYSASWGPEDDGKTVDGPA
RLAEEAFFRGVSQGRGGLGSIFVWASGNGGREHDSCNCDGYTNSIYTLSISSATQFGNVPWYSEACSSTLATTYSSGNQN
EKQIVTTDLRQKCTESHTGTSASAPLAAGIIALTLEANKNLTWRDMQHLVVQTSKPAHLNANDWATNGVGRKVSHSYGYG
LLDAGAMVALAQNWTTVAPQRKCIIDILTEPKDIGKRLEVRKTVTACLGEPNHITRLEHAQARLTLSYNRRGDLAIHLVS
PMGTRSTLLAARPHDYSADGFNDWAFMTTHSWDEDPSGEWVLEIENTSEANNYGTLTKFTLVLYGTASGSLVPRGSHHHH
;
A
2 'polypeptide(L)' (3U0)(GGB)(TBG)(GGB)(OZ3) B
#
loop_
_chem_comp.id
_chem_comp.type
_chem_comp.name
_chem_comp.formula
CA non-polymer 'CALCIUM ION' 'Ca 2'
CL non-polymer 'CHLORIDE ION' 'Cl -1'
DMS non-polymer 'DIMETHYL SULFOXIDE' 'C2 H6 O S'
NA non-polymer 'SODIUM ION' 'Na 1'
#
# COMPACT_ATOMS: atom_id res chain seq x y z
N VAL A 2 12.37 -32.49 -4.70
CA VAL A 2 11.09 -32.01 -4.19
C VAL A 2 11.36 -30.95 -3.13
N TYR A 3 10.55 -29.88 -3.14
CA TYR A 3 10.74 -28.82 -2.16
C TYR A 3 10.48 -29.35 -0.74
N GLN A 4 11.30 -28.90 0.19
CA GLN A 4 11.15 -29.23 1.61
C GLN A 4 10.76 -27.97 2.38
N GLU A 5 9.55 -27.97 2.94
CA GLU A 5 9.07 -26.80 3.64
C GLU A 5 9.85 -26.58 4.94
N PRO A 6 9.83 -25.35 5.45
CA PRO A 6 10.65 -25.05 6.64
C PRO A 6 10.30 -25.92 7.83
N THR A 7 11.31 -26.15 8.67
CA THR A 7 11.18 -26.94 9.88
C THR A 7 11.09 -26.08 11.14
N ASP A 8 11.00 -24.77 10.98
CA ASP A 8 11.06 -23.87 12.13
C ASP A 8 9.93 -24.16 13.10
N PRO A 9 10.17 -23.99 14.40
CA PRO A 9 9.19 -24.48 15.40
C PRO A 9 7.83 -23.80 15.32
N LYS A 10 7.76 -22.55 14.83
CA LYS A 10 6.49 -21.84 14.75
C LYS A 10 5.95 -21.79 13.32
N PHE A 11 6.65 -22.38 12.36
CA PHE A 11 6.12 -22.38 11.00
C PHE A 11 4.74 -23.01 10.90
N PRO A 12 4.43 -24.09 11.63
CA PRO A 12 3.06 -24.63 11.56
C PRO A 12 1.99 -23.66 12.01
N GLN A 13 2.35 -22.62 12.76
CA GLN A 13 1.41 -21.59 13.17
C GLN A 13 1.27 -20.47 12.14
N GLN A 14 2.06 -20.49 11.07
CA GLN A 14 1.99 -19.45 10.03
C GLN A 14 0.93 -19.86 9.01
N TRP A 15 -0.32 -19.88 9.50
CA TRP A 15 -1.47 -20.32 8.70
C TRP A 15 -1.60 -19.53 7.40
N TYR A 16 -1.11 -18.29 7.37
CA TYR A 16 -1.31 -17.39 6.24
C TYR A 16 -0.34 -17.66 5.09
N LEU A 17 0.70 -18.47 5.32
CA LEU A 17 1.68 -18.73 4.29
C LEU A 17 1.31 -19.92 3.42
N SER A 18 0.76 -20.97 4.01
CA SER A 18 0.41 -22.17 3.27
C SER A 18 -0.57 -22.99 4.10
N GLY A 19 -1.14 -23.99 3.46
CA GLY A 19 -2.08 -24.89 4.11
C GLY A 19 -3.05 -25.45 3.10
N VAL A 20 -3.69 -26.55 3.50
CA VAL A 20 -4.65 -27.22 2.62
C VAL A 20 -5.99 -26.51 2.56
N THR A 21 -6.23 -25.53 3.43
CA THR A 21 -7.52 -24.87 3.51
C THR A 21 -7.73 -23.83 2.40
N GLN A 22 -6.67 -23.35 1.78
CA GLN A 22 -6.66 -22.31 0.74
C GLN A 22 -6.85 -20.92 1.33
N ARG A 23 -7.01 -20.77 2.65
CA ARG A 23 -7.04 -19.45 3.26
C ARG A 23 -5.61 -19.02 3.57
N ASP A 24 -4.86 -18.75 2.49
CA ASP A 24 -3.46 -18.39 2.63
C ASP A 24 -3.01 -17.57 1.43
N LEU A 25 -1.77 -17.11 1.49
CA LEU A 25 -1.18 -16.25 0.47
C LEU A 25 -0.44 -17.05 -0.60
N ASN A 26 -0.56 -18.38 -0.58
CA ASN A 26 0.03 -19.22 -1.61
C ASN A 26 1.53 -18.98 -1.74
N VAL A 27 2.21 -18.91 -0.60
CA VAL A 27 3.63 -18.59 -0.60
C VAL A 27 4.46 -19.86 -0.84
N LYS A 28 4.03 -21.00 -0.29
CA LYS A 28 4.79 -22.23 -0.49
C LYS A 28 4.87 -22.59 -1.97
N ALA A 29 3.83 -22.27 -2.75
CA ALA A 29 3.89 -22.50 -4.19
C ALA A 29 5.06 -21.73 -4.81
N ALA A 30 5.34 -20.53 -4.32
CA ALA A 30 6.46 -19.75 -4.86
C ALA A 30 7.79 -20.35 -4.41
N TRP A 31 7.90 -20.70 -3.13
CA TRP A 31 9.10 -21.38 -2.65
C TRP A 31 9.41 -22.61 -3.49
N ALA A 32 8.39 -23.40 -3.82
CA ALA A 32 8.61 -24.64 -4.57
C ALA A 32 9.04 -24.36 -6.01
N GLN A 33 8.61 -23.24 -6.59
CA GLN A 33 9.13 -22.83 -7.88
C GLN A 33 10.59 -22.38 -7.79
N GLY A 34 11.16 -22.32 -6.58
CA GLY A 34 12.55 -21.95 -6.40
C GLY A 34 12.81 -20.51 -5.97
N TYR A 35 11.78 -19.76 -5.57
CA TYR A 35 11.93 -18.36 -5.23
C TYR A 35 11.75 -18.18 -3.74
N THR A 36 12.83 -17.81 -3.06
CA THR A 36 12.82 -17.57 -1.62
C THR A 36 13.37 -16.19 -1.26
N GLY A 37 13.78 -15.39 -2.23
CA GLY A 37 14.22 -14.03 -2.00
C GLY A 37 15.69 -13.79 -2.21
N HIS A 38 16.47 -14.80 -2.60
N HIS A 38 16.46 -14.81 -2.59
CA HIS A 38 17.90 -14.64 -2.75
CA HIS A 38 17.89 -14.65 -2.81
C HIS A 38 18.21 -13.47 -3.67
C HIS A 38 18.17 -13.43 -3.66
N GLY A 39 19.09 -12.58 -3.19
CA GLY A 39 19.53 -11.44 -3.97
C GLY A 39 18.64 -10.21 -3.91
N ILE A 40 17.52 -10.26 -3.22
CA ILE A 40 16.63 -9.12 -3.08
C ILE A 40 16.88 -8.46 -1.74
N VAL A 41 16.76 -7.13 -1.71
CA VAL A 41 17.05 -6.32 -0.54
C VAL A 41 15.79 -5.55 -0.17
N VAL A 42 15.34 -5.72 1.08
CA VAL A 42 14.16 -5.06 1.61
C VAL A 42 14.57 -4.26 2.83
N SER A 43 14.02 -3.05 2.96
CA SER A 43 14.29 -2.20 4.11
C SER A 43 12.99 -1.80 4.80
N ILE A 44 12.96 -1.97 6.11
CA ILE A 44 11.84 -1.62 6.96
C ILE A 44 12.05 -0.20 7.48
N LEU A 45 11.20 0.72 7.06
CA LEU A 45 11.24 2.10 7.56
C LEU A 45 10.34 2.16 8.78
N ASP A 46 10.94 2.22 9.97
CA ASP A 46 10.15 2.13 11.19
C ASP A 46 10.96 2.66 12.36
N ASP A 47 10.86 2.01 13.52
CA ASP A 47 11.50 2.50 14.74
C ASP A 47 12.82 1.79 15.02
N GLY A 48 13.37 1.09 14.04
CA GLY A 48 14.60 0.35 14.22
C GLY A 48 14.43 -1.13 13.97
N ILE A 49 15.57 -1.82 13.89
CA ILE A 49 15.57 -3.26 13.64
C ILE A 49 16.62 -3.90 14.56
N GLU A 50 16.20 -4.94 15.27
CA GLU A 50 17.12 -5.68 16.13
C GLU A 50 18.02 -6.54 15.25
N LYS A 51 19.16 -5.98 14.83
CA LYS A 51 19.96 -6.62 13.79
C LYS A 51 20.63 -7.89 14.27
N ASN A 52 20.71 -8.09 15.59
CA ASN A 52 21.30 -9.27 16.19
C ASN A 52 20.26 -10.30 16.60
N HIS A 53 19.00 -10.12 16.21
CA HIS A 53 17.97 -11.08 16.54
C HIS A 53 18.33 -12.44 15.95
N PRO A 54 18.18 -13.54 16.70
CA PRO A 54 18.60 -14.84 16.17
C PRO A 54 17.86 -15.28 14.92
N ASP A 55 16.70 -14.71 14.60
CA ASP A 55 16.01 -15.04 13.37
C ASP A 55 16.14 -13.96 12.30
N LEU A 56 16.94 -12.92 12.55
CA LEU A 56 17.23 -11.89 11.53
C LEU A 56 18.70 -11.77 11.21
N ALA A 57 19.59 -12.09 12.14
CA ALA A 57 21.01 -11.81 11.94
C ALA A 57 21.54 -12.41 10.66
N GLY A 58 21.08 -13.62 10.32
CA GLY A 58 21.58 -14.30 9.13
C GLY A 58 21.21 -13.63 7.83
N ASN A 59 20.17 -12.81 7.82
CA ASN A 59 19.75 -12.09 6.62
C ASN A 59 19.97 -10.59 6.72
N TYR A 60 20.55 -10.11 7.82
CA TYR A 60 20.67 -8.67 8.03
C TYR A 60 21.67 -8.06 7.04
N ASP A 61 21.34 -6.87 6.56
CA ASP A 61 22.13 -6.17 5.55
C ASP A 61 22.36 -4.75 6.04
N PRO A 62 23.56 -4.43 6.54
CA PRO A 62 23.84 -3.04 6.93
C PRO A 62 23.66 -2.05 5.79
N GLY A 63 23.82 -2.49 4.53
CA GLY A 63 23.62 -1.58 3.41
C GLY A 63 22.18 -1.16 3.20
N ALA A 64 21.24 -1.90 3.78
CA ALA A 64 19.82 -1.58 3.74
C ALA A 64 19.34 -0.88 5.00
N SER A 65 20.25 -0.34 5.78
CA SER A 65 19.92 0.17 7.11
C SER A 65 20.58 1.51 7.37
N PHE A 66 19.95 2.30 8.22
CA PHE A 66 20.50 3.55 8.70
C PHE A 66 19.66 4.02 9.88
N ASP A 67 20.24 4.92 10.67
CA ASP A 67 19.56 5.51 11.83
C ASP A 67 19.42 7.00 11.55
N VAL A 68 18.26 7.40 11.05
CA VAL A 68 18.02 8.80 10.74
C VAL A 68 17.72 9.61 11.99
N ASN A 69 17.18 8.97 13.03
CA ASN A 69 16.85 9.71 14.25
C ASN A 69 18.10 10.20 14.98
N ASP A 70 19.13 9.37 15.07
CA ASP A 70 20.38 9.73 15.73
C ASP A 70 21.52 10.01 14.75
N GLN A 71 21.27 9.86 13.45
CA GLN A 71 22.27 10.15 12.42
C GLN A 71 23.51 9.26 12.58
N ASP A 72 23.29 7.97 12.47
CA ASP A 72 24.39 6.99 12.48
C ASP A 72 23.95 5.79 11.67
N PRO A 73 24.88 4.87 11.38
CA PRO A 73 24.52 3.74 10.51
C PRO A 73 23.76 2.63 11.20
N ASP A 74 23.72 2.61 12.53
CA ASP A 74 23.27 1.46 13.29
C ASP A 74 21.80 1.60 13.67
N PRO A 75 20.89 0.81 13.07
CA PRO A 75 19.45 1.01 13.30
C PRO A 75 18.92 0.32 14.55
N GLN A 76 19.80 -0.07 15.45
CA GLN A 76 19.37 -0.84 16.63
C GLN A 76 18.28 -0.07 17.37
N PRO A 77 17.19 -0.73 17.75
CA PRO A 77 16.12 -0.01 18.48
C PRO A 77 16.59 0.48 19.83
N ARG A 78 15.95 1.56 20.28
CA ARG A 78 16.13 2.04 21.65
C ARG A 78 15.29 1.20 22.60
N TYR A 79 15.94 0.56 23.56
CA TYR A 79 15.22 -0.33 24.47
C TYR A 79 14.59 0.46 25.60
N THR A 80 13.31 0.19 25.85
CA THR A 80 12.56 0.83 26.92
C THR A 80 11.72 -0.23 27.63
N GLN A 81 11.26 0.12 28.85
CA GLN A 81 10.46 -0.81 29.63
C GLN A 81 9.18 -1.21 28.90
N MET A 82 8.57 -0.26 28.20
CA MET A 82 7.34 -0.54 27.47
C MET A 82 7.58 -1.21 26.12
N ASN A 83 8.84 -1.38 25.72
CA ASN A 83 9.17 -1.98 24.43
C ASN A 83 8.49 -1.22 23.30
N ASP A 84 8.49 0.11 23.39
CA ASP A 84 7.84 0.92 22.36
C ASP A 84 8.42 0.67 20.99
N ASN A 85 9.72 0.39 20.90
CA ASN A 85 10.43 0.35 19.62
C ASN A 85 10.58 -1.08 19.11
N ARG A 86 9.54 -1.89 19.29
CA ARG A 86 9.47 -3.25 18.80
C ARG A 86 8.89 -3.36 17.40
N HIS A 87 8.31 -2.27 16.87
N HIS A 87 8.30 -2.28 16.87
CA HIS A 87 7.48 -2.34 15.67
CA HIS A 87 7.47 -2.40 15.67
C HIS A 87 8.30 -2.75 14.45
C HIS A 87 8.31 -2.77 14.45
N GLY A 88 9.47 -2.15 14.27
CA GLY A 88 10.27 -2.43 13.10
C GLY A 88 10.79 -3.86 13.07
N THR A 89 11.19 -4.39 14.22
CA THR A 89 11.67 -5.77 14.29
C THR A 89 10.56 -6.74 13.92
N ARG A 90 9.34 -6.50 14.40
CA ARG A 90 8.23 -7.36 14.04
C ARG A 90 7.98 -7.33 12.52
N CYS A 91 8.02 -6.14 11.92
CA CYS A 91 7.84 -6.05 10.48
C CYS A 91 8.94 -6.79 9.74
N ALA A 92 10.19 -6.67 10.20
CA ALA A 92 11.31 -7.29 9.50
C ALA A 92 11.16 -8.81 9.42
N GLY A 93 10.76 -9.44 10.53
CA GLY A 93 10.67 -10.88 10.55
C GLY A 93 9.62 -11.43 9.63
N GLU A 94 8.58 -10.65 9.35
CA GLU A 94 7.56 -11.08 8.42
C GLU A 94 8.11 -11.16 7.01
N VAL A 95 9.01 -10.24 6.67
CA VAL A 95 9.64 -10.24 5.34
C VAL A 95 10.65 -11.37 5.25
N ALA A 96 11.58 -11.46 6.25
CA ALA A 96 12.81 -12.16 6.01
C ALA A 96 13.36 -12.87 7.24
N ALA A 97 12.49 -13.33 8.13
CA ALA A 97 12.98 -14.19 9.22
C ALA A 97 13.66 -15.41 8.62
N VAL A 98 14.82 -15.77 9.20
CA VAL A 98 15.60 -16.88 8.68
C VAL A 98 14.83 -18.19 8.81
N ALA A 99 15.05 -19.09 7.85
CA ALA A 99 14.35 -20.36 7.81
C ALA A 99 15.26 -21.51 8.21
N ASN A 100 14.64 -22.58 8.71
CA ASN A 100 15.33 -23.83 8.99
C ASN A 100 16.51 -23.63 9.95
N ASN A 101 16.30 -22.79 10.95
CA ASN A 101 17.32 -22.52 11.96
C ASN A 101 16.82 -22.78 13.37
N GLY A 102 15.69 -23.48 13.52
CA GLY A 102 15.19 -23.84 14.84
C GLY A 102 14.68 -22.69 15.68
N VAL A 103 14.42 -21.54 15.07
CA VAL A 103 14.04 -20.34 15.80
C VAL A 103 12.77 -19.75 15.17
N CYS A 104 11.75 -19.53 16.01
N CYS A 104 11.79 -19.45 16.03
CA CYS A 104 10.51 -18.83 15.66
CA CYS A 104 10.54 -18.80 15.62
C CYS A 104 9.98 -19.39 14.34
C CYS A 104 10.00 -19.40 14.34
N GLY A 105 9.64 -18.55 13.36
CA GLY A 105 9.09 -19.04 12.11
C GLY A 105 9.96 -18.67 10.93
N VAL A 106 9.35 -18.26 9.81
CA VAL A 106 10.11 -17.89 8.62
C VAL A 106 9.47 -16.65 7.99
N GLY A 107 10.31 -15.84 7.37
CA GLY A 107 9.80 -14.76 6.53
C GLY A 107 9.24 -15.28 5.23
N VAL A 108 8.41 -14.46 4.60
CA VAL A 108 7.92 -14.80 3.26
C VAL A 108 9.08 -14.99 2.31
N ALA A 109 10.09 -14.14 2.40
CA ALA A 109 11.28 -14.18 1.57
C ALA A 109 12.47 -14.49 2.47
N TYR A 110 12.49 -15.71 2.99
CA TYR A 110 13.40 -16.02 4.08
C TYR A 110 14.85 -16.12 3.66
N ASN A 111 15.17 -15.91 2.39
CA ASN A 111 16.55 -15.79 1.93
C ASN A 111 16.87 -14.41 1.38
N ALA A 112 15.93 -13.47 1.48
CA ALA A 112 16.22 -12.10 1.12
C ALA A 112 17.10 -11.46 2.17
N ARG A 113 17.71 -10.33 1.80
CA ARG A 113 18.46 -9.52 2.73
C ARG A 113 17.53 -8.45 3.30
N ILE A 114 17.64 -8.22 4.60
CA ILE A 114 16.69 -7.37 5.32
C ILE A 114 17.47 -6.31 6.09
N GLY A 115 17.05 -5.06 5.94
CA GLY A 115 17.57 -3.97 6.74
C GLY A 115 16.43 -3.18 7.36
N GLY A 116 16.81 -2.17 8.13
CA GLY A 116 15.85 -1.30 8.75
C GLY A 116 16.35 0.12 8.84
N VAL A 117 15.45 1.09 8.65
CA VAL A 117 15.75 2.48 8.89
C VAL A 117 15.08 2.90 10.19
N ARG A 118 15.88 3.35 11.15
CA ARG A 118 15.35 3.87 12.40
C ARG A 118 15.00 5.33 12.16
N MET A 119 13.71 5.62 12.00
CA MET A 119 13.28 6.99 11.70
C MET A 119 12.01 7.42 12.42
N LEU A 120 11.28 6.52 13.08
CA LEU A 120 10.08 6.93 13.82
C LEU A 120 10.37 7.31 15.27
N ASP A 121 11.56 7.02 15.78
CA ASP A 121 11.84 7.20 17.21
C ASP A 121 12.45 8.57 17.44
N GLY A 122 11.61 9.58 17.24
CA GLY A 122 12.05 10.96 17.31
C GLY A 122 11.06 11.83 16.56
N GLU A 123 11.45 13.09 16.37
CA GLU A 123 10.62 14.00 15.58
C GLU A 123 10.71 13.59 14.11
N VAL A 124 9.58 13.19 13.53
CA VAL A 124 9.54 12.67 12.16
C VAL A 124 9.24 13.85 11.25
N THR A 125 10.29 14.55 10.86
CA THR A 125 10.14 15.68 9.96
C THR A 125 10.05 15.21 8.51
N ASP A 126 9.66 16.14 7.63
CA ASP A 126 9.73 15.89 6.21
C ASP A 126 11.11 15.44 5.79
N ALA A 127 12.15 16.10 6.31
CA ALA A 127 13.52 15.71 5.98
C ALA A 127 13.80 14.28 6.45
N VAL A 128 13.36 13.93 7.65
CA VAL A 128 13.57 12.57 8.16
C VAL A 128 12.94 11.55 7.21
N GLU A 129 11.70 11.82 6.79
CA GLU A 129 11.03 10.90 5.88
C GLU A 129 11.78 10.79 4.56
N ALA A 130 12.23 11.94 4.02
CA ALA A 130 12.88 11.94 2.71
C ALA A 130 14.20 11.18 2.75
N ARG A 131 14.99 11.35 3.80
N ARG A 131 14.99 11.35 3.80
CA ARG A 131 16.25 10.63 3.89
CA ARG A 131 16.24 10.63 3.89
C ARG A 131 16.02 9.14 4.08
C ARG A 131 16.02 9.14 4.09
N SER A 132 14.86 8.74 4.63
CA SER A 132 14.56 7.32 4.80
C SER A 132 14.08 6.70 3.49
N LEU A 133 13.13 7.36 2.81
CA LEU A 133 12.64 6.87 1.53
C LEU A 133 13.73 6.86 0.49
N GLY A 134 14.71 7.76 0.58
CA GLY A 134 15.77 7.86 -0.40
C GLY A 134 17.06 7.16 -0.01
N LEU A 135 17.00 6.27 0.98
CA LEU A 135 18.22 5.61 1.43
C LEU A 135 18.71 4.58 0.41
N ASN A 136 19.99 4.68 0.06
N ASN A 136 19.99 4.67 0.06
CA ASN A 136 20.71 3.71 -0.77
CA ASN A 136 20.71 3.69 -0.76
C ASN A 136 19.79 3.12 -1.84
C ASN A 136 19.79 3.11 -1.85
N PRO A 137 19.23 3.96 -2.72
CA PRO A 137 18.20 3.48 -3.66
C PRO A 137 18.72 2.61 -4.80
N ASN A 138 20.03 2.49 -4.98
CA ASN A 138 20.57 1.53 -5.92
C ASN A 138 21.01 0.25 -5.26
N HIS A 139 20.76 0.10 -3.96
CA HIS A 139 20.99 -1.16 -3.25
C HIS A 139 19.70 -1.74 -2.72
N ILE A 140 18.85 -0.93 -2.09
CA ILE A 140 17.57 -1.38 -1.58
C ILE A 140 16.60 -1.49 -2.75
N HIS A 141 15.92 -2.63 -2.86
CA HIS A 141 14.93 -2.83 -3.91
C HIS A 141 13.52 -2.42 -3.48
N ILE A 142 13.18 -2.76 -2.24
CA ILE A 142 11.81 -2.67 -1.73
C ILE A 142 11.85 -2.01 -0.37
N TYR A 143 11.03 -0.98 -0.19
CA TYR A 143 10.85 -0.29 1.09
C TYR A 143 9.47 -0.64 1.63
N SER A 144 9.41 -0.93 2.93
CA SER A 144 8.15 -1.25 3.60
C SER A 144 7.91 -0.25 4.72
N ALA A 145 6.74 0.35 4.73
CA ALA A 145 6.41 1.39 5.70
C ALA A 145 5.06 1.07 6.31
N SER A 146 5.06 0.83 7.63
CA SER A 146 3.83 0.58 8.37
C SER A 146 3.57 1.72 9.33
N TRP A 147 3.45 2.92 8.81
CA TRP A 147 3.23 4.13 9.60
C TRP A 147 2.62 5.18 8.68
N GLY A 148 2.19 6.29 9.28
CA GLY A 148 1.65 7.39 8.53
C GLY A 148 0.94 8.39 9.42
N PRO A 149 0.17 9.28 8.81
CA PRO A 149 -0.54 10.30 9.58
C PRO A 149 -1.53 9.68 10.55
N GLU A 150 -1.86 10.43 11.59
CA GLU A 150 -2.71 9.95 12.66
C GLU A 150 -4.01 9.36 12.13
N ASP A 151 -4.39 8.21 12.66
CA ASP A 151 -5.63 7.52 12.32
C ASP A 151 -6.79 7.97 13.20
N ASP A 152 -6.95 9.28 13.43
CA ASP A 152 -8.03 9.76 14.26
C ASP A 152 -9.31 10.00 13.48
N GLY A 153 -9.30 9.78 12.16
CA GLY A 153 -10.48 10.00 11.37
C GLY A 153 -10.81 11.45 11.11
N LYS A 154 -9.89 12.36 11.38
CA LYS A 154 -10.07 13.76 11.05
C LYS A 154 -8.86 14.40 10.40
N THR A 155 -7.80 13.64 10.15
CA THR A 155 -6.58 14.18 9.58
C THR A 155 -6.57 14.02 8.07
N VAL A 156 -6.12 15.05 7.38
CA VAL A 156 -5.79 14.98 5.96
C VAL A 156 -4.33 15.43 5.85
N ASP A 157 -3.45 14.52 5.47
CA ASP A 157 -2.02 14.79 5.53
C ASP A 157 -1.31 13.82 4.61
N GLY A 158 -0.20 14.27 4.06
CA GLY A 158 0.56 13.46 3.14
C GLY A 158 2.00 13.94 3.10
N PRO A 159 2.80 13.33 2.22
CA PRO A 159 4.21 13.72 2.12
C PRO A 159 4.35 15.19 1.80
N ALA A 160 5.22 15.85 2.57
CA ALA A 160 5.61 17.23 2.25
C ALA A 160 6.65 17.20 1.12
N ARG A 161 7.23 18.37 0.81
CA ARG A 161 7.99 18.51 -0.43
C ARG A 161 9.15 17.53 -0.51
N LEU A 162 9.97 17.43 0.55
CA LEU A 162 11.15 16.57 0.46
C LEU A 162 10.76 15.10 0.29
N ALA A 163 9.74 14.66 1.03
CA ALA A 163 9.29 13.28 0.92
C ALA A 163 8.69 12.99 -0.44
N GLU A 164 7.90 13.90 -0.98
CA GLU A 164 7.35 13.71 -2.32
C GLU A 164 8.48 13.66 -3.36
N GLU A 165 9.47 14.54 -3.22
CA GLU A 165 10.64 14.48 -4.09
C GLU A 165 11.35 13.15 -3.97
N ALA A 166 11.44 12.61 -2.75
CA ALA A 166 12.06 11.30 -2.57
C ALA A 166 11.28 10.21 -3.31
N PHE A 167 9.94 10.27 -3.26
CA PHE A 167 9.14 9.33 -4.02
C PHE A 167 9.45 9.44 -5.52
N PHE A 168 9.47 10.66 -6.05
CA PHE A 168 9.68 10.79 -7.49
C PHE A 168 11.08 10.36 -7.89
N ARG A 169 12.08 10.72 -7.07
CA ARG A 169 13.45 10.28 -7.36
C ARG A 169 13.56 8.77 -7.27
N GLY A 170 12.88 8.17 -6.29
CA GLY A 170 12.94 6.72 -6.13
C GLY A 170 12.35 5.98 -7.34
N VAL A 171 11.15 6.38 -7.76
CA VAL A 171 10.53 5.62 -8.84
C VAL A 171 11.17 5.93 -10.19
N SER A 172 11.82 7.09 -10.33
CA SER A 172 12.42 7.48 -11.59
C SER A 172 13.84 6.96 -11.75
N GLN A 173 14.71 7.20 -10.76
CA GLN A 173 16.10 6.80 -10.84
C GLN A 173 16.47 5.62 -9.96
N GLY A 174 15.66 5.29 -8.94
CA GLY A 174 16.00 4.17 -8.08
C GLY A 174 16.03 2.85 -8.82
N ARG A 175 16.73 1.89 -8.22
CA ARG A 175 16.89 0.54 -8.76
C ARG A 175 17.35 0.59 -10.22
N GLY A 176 18.39 1.37 -10.47
CA GLY A 176 18.94 1.45 -11.81
C GLY A 176 17.96 2.01 -12.83
N GLY A 177 17.03 2.86 -12.41
CA GLY A 177 16.04 3.42 -13.29
C GLY A 177 14.76 2.62 -13.41
N LEU A 178 14.69 1.45 -12.80
CA LEU A 178 13.46 0.67 -12.81
C LEU A 178 12.45 1.16 -11.77
N GLY A 179 12.93 1.83 -10.73
CA GLY A 179 12.05 2.45 -9.76
C GLY A 179 11.99 1.72 -8.43
N SER A 180 12.25 2.42 -7.34
CA SER A 180 12.08 1.86 -6.00
C SER A 180 10.64 1.37 -5.85
N ILE A 181 10.49 0.28 -5.12
CA ILE A 181 9.17 -0.28 -4.82
C ILE A 181 8.85 0.11 -3.38
N PHE A 182 7.82 0.94 -3.23
CA PHE A 182 7.38 1.42 -1.91
C PHE A 182 6.09 0.71 -1.55
N VAL A 183 6.13 -0.10 -0.48
CA VAL A 183 4.97 -0.84 -0.01
C VAL A 183 4.49 -0.15 1.26
N TRP A 184 3.18 0.10 1.34
CA TRP A 184 2.60 0.87 2.44
C TRP A 184 1.42 0.15 3.05
N ALA A 185 1.36 0.16 4.39
CA ALA A 185 0.18 -0.31 5.10
C ALA A 185 -0.92 0.76 5.02
N SER A 186 -2.14 0.35 4.71
CA SER A 186 -3.17 1.33 4.38
C SER A 186 -3.71 2.07 5.61
N GLY A 187 -3.53 1.53 6.82
CA GLY A 187 -3.91 2.27 8.02
C GLY A 187 -4.70 1.46 9.03
N ASN A 188 -4.77 1.94 10.28
CA ASN A 188 -5.50 1.26 11.34
C ASN A 188 -6.65 2.08 11.88
N GLY A 189 -7.21 3.00 11.08
CA GLY A 189 -8.22 3.92 11.58
C GLY A 189 -9.66 3.45 11.41
N GLY A 190 -9.85 2.14 11.28
CA GLY A 190 -11.20 1.64 11.02
C GLY A 190 -12.20 2.02 12.11
N ARG A 191 -11.78 1.94 13.37
CA ARG A 191 -12.69 2.29 14.47
C ARG A 191 -13.13 3.74 14.41
N GLU A 192 -12.30 4.62 13.87
CA GLU A 192 -12.62 6.03 13.70
C GLU A 192 -13.30 6.32 12.37
N HIS A 193 -13.64 5.28 11.59
CA HIS A 193 -14.22 5.47 10.26
C HIS A 193 -13.32 6.33 9.39
N ASP A 194 -12.01 6.13 9.55
CA ASP A 194 -11.02 6.84 8.75
C ASP A 194 -11.07 6.38 7.30
N SER A 195 -10.60 7.24 6.41
CA SER A 195 -10.46 6.92 4.99
C SER A 195 -8.99 6.98 4.61
N CYS A 196 -8.49 5.92 3.98
CA CYS A 196 -7.08 5.90 3.60
C CYS A 196 -6.80 6.78 2.38
N ASN A 197 -7.82 7.41 1.78
CA ASN A 197 -7.54 8.41 0.75
C ASN A 197 -7.16 9.76 1.36
N CYS A 198 -7.39 9.94 2.67
CA CYS A 198 -6.98 11.14 3.38
C CYS A 198 -5.56 11.01 3.92
N ASP A 199 -4.86 9.96 3.54
CA ASP A 199 -3.48 9.67 3.89
C ASP A 199 -2.70 9.72 2.58
N GLY A 200 -1.87 10.76 2.41
CA GLY A 200 -1.19 10.94 1.14
C GLY A 200 -0.15 9.88 0.83
N TYR A 201 0.33 9.16 1.85
CA TYR A 201 1.32 8.10 1.60
C TYR A 201 0.66 6.90 0.95
N THR A 202 -0.47 6.46 1.50
CA THR A 202 -1.22 5.35 0.92
C THR A 202 -1.89 5.79 -0.38
N ASN A 203 -2.38 7.03 -0.43
CA ASN A 203 -3.08 7.55 -1.60
C ASN A 203 -2.15 7.86 -2.77
N SER A 204 -0.83 7.79 -2.58
CA SER A 204 0.13 8.06 -3.64
C SER A 204 0.11 6.97 -4.70
N ILE A 205 0.34 7.38 -5.96
CA ILE A 205 0.45 6.35 -6.99
C ILE A 205 1.76 5.58 -6.88
N TYR A 206 2.74 6.13 -6.15
CA TYR A 206 4.08 5.55 -6.07
C TYR A 206 4.18 4.46 -5.02
N THR A 207 3.15 4.27 -4.21
CA THR A 207 3.14 3.25 -3.17
C THR A 207 2.10 2.20 -3.51
N LEU A 208 2.41 0.95 -3.19
CA LEU A 208 1.43 -0.15 -3.24
C LEU A 208 0.80 -0.19 -1.86
N SER A 209 -0.42 0.33 -1.75
CA SER A 209 -1.11 0.37 -0.46
C SER A 209 -1.82 -0.95 -0.24
N ILE A 210 -1.57 -1.55 0.93
CA ILE A 210 -1.99 -2.92 1.24
C ILE A 210 -2.90 -2.88 2.46
N SER A 211 -4.07 -3.51 2.34
CA SER A 211 -5.00 -3.65 3.44
C SER A 211 -4.97 -5.07 4.00
N SER A 212 -5.85 -5.34 4.95
CA SER A 212 -5.81 -6.56 5.74
C SER A 212 -7.12 -7.31 5.65
N ALA A 213 -7.04 -8.63 5.77
CA ALA A 213 -8.20 -9.49 5.96
C ALA A 213 -7.97 -10.38 7.16
N THR A 214 -9.06 -10.72 7.87
CA THR A 214 -8.93 -11.63 9.00
C THR A 214 -8.85 -13.08 8.52
N GLN A 215 -8.51 -13.98 9.45
CA GLN A 215 -8.35 -15.38 9.07
C GLN A 215 -9.63 -15.93 8.44
N PHE A 216 -10.78 -15.54 8.96
CA PHE A 216 -12.05 -16.04 8.45
C PHE A 216 -12.52 -15.25 7.21
N GLY A 217 -11.66 -14.38 6.69
CA GLY A 217 -11.98 -13.68 5.45
C GLY A 217 -12.83 -12.46 5.60
N ASN A 218 -12.72 -11.74 6.72
CA ASN A 218 -13.57 -10.58 6.96
C ASN A 218 -12.73 -9.32 7.05
N VAL A 219 -13.44 -8.19 7.01
CA VAL A 219 -12.82 -6.87 7.12
C VAL A 219 -12.51 -6.61 8.58
N PRO A 220 -11.25 -6.50 8.98
CA PRO A 220 -10.92 -6.32 10.40
C PRO A 220 -11.45 -4.98 10.92
N TRP A 221 -11.64 -4.94 12.25
CA TRP A 221 -12.14 -3.74 12.90
C TRP A 221 -11.30 -2.50 12.58
N TYR A 222 -9.99 -2.68 12.40
CA TYR A 222 -9.08 -1.55 12.17
C TYR A 222 -8.98 -1.12 10.71
N SER A 223 -9.60 -1.85 9.80
CA SER A 223 -9.43 -1.60 8.37
C SER A 223 -10.02 -0.26 7.95
N GLU A 224 -9.28 0.45 7.11
CA GLU A 224 -9.77 1.66 6.46
C GLU A 224 -10.12 1.33 5.02
N ALA A 225 -11.30 1.76 4.59
CA ALA A 225 -11.71 1.58 3.21
C ALA A 225 -11.35 2.82 2.39
N CYS A 226 -10.89 2.60 1.16
CA CYS A 226 -10.67 3.72 0.24
C CYS A 226 -10.32 3.16 -1.14
N SER A 227 -10.41 4.04 -2.14
CA SER A 227 -10.18 3.61 -3.52
C SER A 227 -8.71 3.50 -3.87
N SER A 228 -7.80 4.05 -3.07
CA SER A 228 -6.38 3.99 -3.40
C SER A 228 -5.74 2.66 -3.03
N THR A 229 -6.39 1.84 -2.23
CA THR A 229 -5.83 0.55 -1.86
C THR A 229 -5.74 -0.34 -3.09
N LEU A 230 -4.66 -1.11 -3.16
CA LEU A 230 -4.40 -1.96 -4.31
C LEU A 230 -4.68 -3.43 -4.06
N ALA A 231 -4.30 -3.96 -2.89
CA ALA A 231 -4.49 -5.37 -2.62
C ALA A 231 -4.44 -5.60 -1.11
N THR A 232 -4.45 -6.87 -0.73
CA THR A 232 -4.68 -7.27 0.66
C THR A 232 -3.77 -8.44 1.01
N THR A 233 -3.36 -8.48 2.29
CA THR A 233 -2.80 -9.68 2.86
C THR A 233 -3.50 -9.95 4.19
N TYR A 234 -3.39 -11.19 4.65
CA TYR A 234 -3.96 -11.53 5.94
C TYR A 234 -3.27 -10.79 7.08
N SER A 235 -4.04 -10.53 8.12
CA SER A 235 -3.50 -10.06 9.39
C SER A 235 -4.44 -10.49 10.50
N SER A 236 -4.46 -9.76 11.60
CA SER A 236 -5.20 -10.15 12.77
C SER A 236 -6.68 -9.78 12.63
N GLY A 237 -7.48 -10.34 13.53
CA GLY A 237 -8.91 -10.08 13.58
C GLY A 237 -9.42 -10.14 15.00
N ASN A 238 -10.43 -10.96 15.26
CA ASN A 238 -10.96 -11.10 16.60
C ASN A 238 -10.12 -12.13 17.36
N GLN A 239 -10.50 -12.41 18.58
CA GLN A 239 -9.63 -13.24 19.43
C GLN A 239 -9.82 -14.72 19.20
N ASN A 240 -10.75 -15.12 18.33
CA ASN A 240 -10.83 -16.49 17.88
C ASN A 240 -10.03 -16.73 16.60
N GLU A 241 -9.56 -15.67 15.96
CA GLU A 241 -8.81 -15.77 14.74
C GLU A 241 -7.32 -15.69 15.03
N LYS A 242 -6.53 -16.45 14.30
CA LYS A 242 -5.09 -16.47 14.50
C LYS A 242 -4.47 -15.16 14.04
N GLN A 243 -3.23 -14.94 14.45
CA GLN A 243 -2.53 -13.69 14.18
C GLN A 243 -1.21 -14.01 13.47
N ILE A 244 -0.33 -13.04 13.40
CA ILE A 244 0.88 -13.13 12.61
C ILE A 244 2.07 -13.45 13.50
N VAL A 245 2.90 -14.38 13.04
CA VAL A 245 4.06 -14.87 13.78
C VAL A 245 5.32 -14.18 13.26
N THR A 246 6.10 -13.59 14.16
CA THR A 246 7.29 -12.89 13.69
C THR A 246 8.28 -12.70 14.83
N THR A 247 9.40 -12.06 14.48
CA THR A 247 10.46 -11.74 15.42
C THR A 247 10.07 -10.55 16.28
N ASP A 248 10.36 -10.64 17.57
CA ASP A 248 9.99 -9.60 18.51
C ASP A 248 11.24 -9.02 19.16
N LEU A 249 11.08 -7.85 19.76
CA LEU A 249 12.18 -7.19 20.44
C LEU A 249 12.73 -8.08 21.55
N ARG A 250 14.02 -7.92 21.82
CA ARG A 250 14.72 -8.68 22.87
C ARG A 250 14.86 -10.16 22.50
N GLN A 251 15.06 -10.40 21.19
CA GLN A 251 15.42 -11.73 20.68
C GLN A 251 14.32 -12.75 20.94
N LYS A 252 13.09 -12.28 20.99
CA LYS A 252 11.95 -13.13 21.26
C LYS A 252 11.17 -13.43 19.99
N CYS A 253 10.23 -14.36 20.12
N CYS A 253 10.27 -14.41 20.10
CA CYS A 253 9.31 -14.73 19.05
CA CYS A 253 9.31 -14.73 19.06
C CYS A 253 7.90 -14.40 19.51
C CYS A 253 7.93 -14.32 19.54
N THR A 254 7.12 -13.77 18.64
CA THR A 254 5.75 -13.42 18.96
C THR A 254 4.81 -14.04 17.94
N GLU A 255 3.65 -14.45 18.43
CA GLU A 255 2.56 -14.92 17.58
C GLU A 255 1.37 -13.97 17.63
N SER A 256 1.61 -12.70 17.96
N SER A 256 1.59 -12.71 17.99
CA SER A 256 0.55 -11.75 18.26
CA SER A 256 0.49 -11.77 18.20
C SER A 256 0.75 -10.41 17.56
C SER A 256 0.79 -10.41 17.58
N HIS A 257 1.36 -10.41 16.38
CA HIS A 257 1.49 -9.17 15.62
C HIS A 257 0.17 -8.92 14.89
N THR A 258 -0.24 -7.65 14.82
CA THR A 258 -1.61 -7.30 14.46
C THR A 258 -1.64 -6.06 13.57
N GLY A 259 -2.81 -5.81 12.98
CA GLY A 259 -3.06 -4.58 12.23
C GLY A 259 -2.53 -4.61 10.81
N THR A 260 -2.75 -3.49 10.09
CA THR A 260 -2.17 -3.41 8.76
C THR A 260 -0.65 -3.37 8.81
N SER A 261 -0.07 -3.09 9.99
CA SER A 261 1.39 -3.12 10.13
C SER A 261 1.97 -4.45 9.72
N ALA A 262 1.23 -5.55 9.91
CA ALA A 262 1.70 -6.85 9.48
C ALA A 262 1.46 -7.11 8.00
N SER A 263 0.47 -6.42 7.40
CA SER A 263 0.13 -6.71 6.01
C SER A 263 1.15 -6.15 5.03
N ALA A 264 1.65 -4.94 5.27
CA ALA A 264 2.64 -4.39 4.34
C ALA A 264 3.90 -5.25 4.27
N PRO A 265 4.51 -5.68 5.40
CA PRO A 265 5.71 -6.52 5.30
C PRO A 265 5.46 -7.84 4.58
N LEU A 266 4.30 -8.46 4.80
CA LEU A 266 4.01 -9.70 4.08
C LEU A 266 3.94 -9.45 2.59
N ALA A 267 3.31 -8.35 2.20
CA ALA A 267 3.28 -7.97 0.79
C ALA A 267 4.69 -7.67 0.28
N ALA A 268 5.49 -6.97 1.09
CA ALA A 268 6.87 -6.69 0.71
C ALA A 268 7.63 -7.98 0.45
N GLY A 269 7.39 -9.01 1.28
CA GLY A 269 8.05 -10.29 1.05
C GLY A 269 7.60 -10.95 -0.24
N ILE A 270 6.29 -10.95 -0.50
CA ILE A 270 5.78 -11.51 -1.76
C ILE A 270 6.37 -10.76 -2.95
N ILE A 271 6.46 -9.44 -2.85
CA ILE A 271 7.05 -8.64 -3.92
C ILE A 271 8.53 -8.97 -4.07
N ALA A 272 9.21 -9.31 -2.98
CA ALA A 272 10.60 -9.74 -3.08
C ALA A 272 10.73 -11.04 -3.85
N LEU A 273 9.85 -12.02 -3.57
CA LEU A 273 9.87 -13.25 -4.36
C LEU A 273 9.64 -12.95 -5.83
N THR A 274 8.72 -12.03 -6.11
CA THR A 274 8.39 -11.68 -7.50
C THR A 274 9.58 -11.03 -8.21
N LEU A 275 10.29 -10.13 -7.52
CA LEU A 275 11.45 -9.49 -8.12
C LEU A 275 12.55 -10.51 -8.40
N GLU A 276 12.72 -11.50 -7.51
CA GLU A 276 13.69 -12.54 -7.79
C GLU A 276 13.34 -13.29 -9.08
N ALA A 277 12.04 -13.49 -9.31
CA ALA A 277 11.60 -14.18 -10.52
C ALA A 277 11.81 -13.34 -11.77
N ASN A 278 11.95 -12.02 -11.63
CA ASN A 278 12.23 -11.16 -12.78
C ASN A 278 12.77 -9.82 -12.26
N LYS A 279 14.09 -9.70 -12.22
CA LYS A 279 14.70 -8.52 -11.65
C LYS A 279 14.53 -7.28 -12.51
N ASN A 280 14.01 -7.42 -13.73
CA ASN A 280 13.83 -6.30 -14.64
C ASN A 280 12.47 -5.62 -14.50
N LEU A 281 11.65 -6.06 -13.55
CA LEU A 281 10.34 -5.45 -13.36
C LEU A 281 10.48 -4.01 -12.89
N THR A 282 9.71 -3.11 -13.49
CA THR A 282 9.68 -1.72 -13.06
C THR A 282 8.69 -1.55 -11.90
N TRP A 283 8.72 -0.36 -11.29
CA TRP A 283 7.77 -0.10 -10.21
C TRP A 283 6.33 -0.20 -10.70
N ARG A 284 6.07 0.18 -11.96
CA ARG A 284 4.72 0.05 -12.49
C ARG A 284 4.39 -1.38 -12.89
N ASP A 285 5.38 -2.11 -13.44
CA ASP A 285 5.17 -3.54 -13.70
C ASP A 285 4.64 -4.22 -12.44
N MET A 286 5.24 -3.91 -11.29
CA MET A 286 4.89 -4.62 -10.06
C MET A 286 3.43 -4.38 -9.70
N GLN A 287 2.94 -3.17 -9.92
CA GLN A 287 1.54 -2.89 -9.63
C GLN A 287 0.62 -3.60 -10.60
N HIS A 288 1.00 -3.65 -11.88
CA HIS A 288 0.24 -4.45 -12.85
C HIS A 288 0.14 -5.91 -12.40
N LEU A 289 1.26 -6.50 -11.99
CA LEU A 289 1.24 -7.89 -11.55
C LEU A 289 0.28 -8.09 -10.38
N VAL A 290 0.31 -7.17 -9.41
CA VAL A 290 -0.60 -7.25 -8.27
C VAL A 290 -2.04 -7.16 -8.73
N VAL A 291 -2.35 -6.22 -9.63
CA VAL A 291 -3.72 -6.10 -10.10
C VAL A 291 -4.17 -7.39 -10.77
N GLN A 292 -3.31 -7.98 -11.59
CA GLN A 292 -3.74 -9.11 -12.40
C GLN A 292 -3.84 -10.40 -11.61
N THR A 293 -3.05 -10.58 -10.55
CA THR A 293 -2.96 -11.88 -9.88
C THR A 293 -3.71 -11.96 -8.55
N SER A 294 -4.14 -10.83 -7.98
CA SER A 294 -4.74 -10.86 -6.66
C SER A 294 -6.14 -11.48 -6.71
N LYS A 295 -6.54 -12.11 -5.61
CA LYS A 295 -7.69 -13.01 -5.59
C LYS A 295 -8.77 -12.50 -4.65
N PRO A 296 -9.97 -12.18 -5.16
CA PRO A 296 -11.06 -11.79 -4.28
C PRO A 296 -11.71 -12.94 -3.52
N ALA A 297 -11.58 -14.17 -4.01
CA ALA A 297 -12.45 -15.26 -3.56
C ALA A 297 -12.43 -15.40 -2.05
N HIS A 298 -13.62 -15.53 -1.48
CA HIS A 298 -13.82 -15.80 -0.06
C HIS A 298 -13.30 -14.67 0.84
N LEU A 299 -13.15 -13.46 0.30
CA LEU A 299 -13.03 -12.27 1.12
C LEU A 299 -14.41 -11.62 1.17
N ASN A 300 -14.93 -11.42 2.37
CA ASN A 300 -16.29 -10.92 2.55
C ASN A 300 -16.31 -9.39 2.62
N ALA A 301 -17.14 -8.78 1.78
CA ALA A 301 -17.35 -7.34 1.81
C ALA A 301 -18.67 -7.06 1.11
N ASN A 302 -19.33 -5.99 1.54
CA ASN A 302 -20.62 -5.65 0.95
C ASN A 302 -20.49 -4.72 -0.26
N ASP A 303 -19.25 -4.39 -0.68
CA ASP A 303 -19.04 -3.42 -1.75
C ASP A 303 -18.27 -4.00 -2.93
N TRP A 304 -18.18 -5.33 -3.06
CA TRP A 304 -17.51 -5.90 -4.21
C TRP A 304 -18.21 -5.44 -5.49
N ALA A 305 -17.41 -4.97 -6.44
CA ALA A 305 -17.95 -4.53 -7.73
C ALA A 305 -17.03 -4.99 -8.85
N THR A 306 -17.62 -5.23 -10.02
CA THR A 306 -16.86 -5.64 -11.19
C THR A 306 -16.59 -4.38 -12.01
N ASN A 307 -15.32 -4.11 -12.28
CA ASN A 307 -14.96 -2.88 -12.99
C ASN A 307 -15.14 -3.11 -14.49
N GLY A 308 -14.61 -2.21 -15.30
CA GLY A 308 -14.89 -2.23 -16.74
C GLY A 308 -14.15 -3.29 -17.50
N VAL A 309 -13.16 -3.93 -16.90
CA VAL A 309 -12.42 -4.99 -17.54
C VAL A 309 -12.65 -6.32 -16.82
N GLY A 310 -13.72 -6.42 -16.06
CA GLY A 310 -14.17 -7.68 -15.53
C GLY A 310 -13.50 -8.12 -14.24
N ARG A 311 -12.74 -7.25 -13.59
CA ARG A 311 -12.07 -7.57 -12.34
C ARG A 311 -12.90 -7.11 -11.16
N LYS A 312 -12.97 -7.94 -10.12
CA LYS A 312 -13.68 -7.56 -8.91
C LYS A 312 -12.78 -6.68 -8.07
N VAL A 313 -13.34 -5.62 -7.49
CA VAL A 313 -12.57 -4.67 -6.71
C VAL A 313 -13.42 -4.21 -5.54
N SER A 314 -12.77 -4.03 -4.38
CA SER A 314 -13.43 -3.59 -3.16
C SER A 314 -12.63 -2.46 -2.55
N HIS A 315 -13.32 -1.55 -1.88
CA HIS A 315 -12.61 -0.48 -1.18
C HIS A 315 -11.93 -0.99 0.07
N SER A 316 -12.37 -2.14 0.58
CA SER A 316 -11.70 -2.73 1.74
C SER A 316 -10.46 -3.53 1.35
N TYR A 317 -10.46 -4.13 0.16
CA TYR A 317 -9.43 -5.08 -0.21
C TYR A 317 -8.70 -4.74 -1.50
N GLY A 318 -9.07 -3.69 -2.22
CA GLY A 318 -8.50 -3.50 -3.54
C GLY A 318 -8.88 -4.67 -4.43
N TYR A 319 -7.89 -5.24 -5.11
CA TYR A 319 -8.13 -6.36 -6.00
C TYR A 319 -8.11 -7.72 -5.29
N GLY A 320 -7.96 -7.73 -3.97
CA GLY A 320 -8.07 -8.95 -3.20
C GLY A 320 -6.74 -9.39 -2.62
N LEU A 321 -6.69 -10.66 -2.24
CA LEU A 321 -5.53 -11.23 -1.57
C LEU A 321 -4.37 -11.42 -2.53
N LEU A 322 -3.18 -11.04 -2.09
CA LEU A 322 -1.99 -11.35 -2.88
C LEU A 322 -1.85 -12.87 -3.01
N ASP A 323 -1.31 -13.29 -4.15
CA ASP A 323 -1.13 -14.70 -4.51
C ASP A 323 0.32 -14.83 -4.95
N ALA A 324 1.19 -15.26 -4.04
CA ALA A 324 2.61 -15.29 -4.32
C ALA A 324 2.94 -16.20 -5.49
N GLY A 325 2.37 -17.41 -5.50
CA GLY A 325 2.64 -18.33 -6.59
C GLY A 325 2.26 -17.75 -7.94
N ALA A 326 1.11 -17.09 -8.01
CA ALA A 326 0.68 -16.47 -9.26
C ALA A 326 1.57 -15.29 -9.63
N MET A 327 1.96 -14.49 -8.64
CA MET A 327 2.86 -13.37 -8.88
C MET A 327 4.16 -13.81 -9.52
N VAL A 328 4.84 -14.80 -8.92
CA VAL A 328 6.15 -15.21 -9.43
C VAL A 328 6.00 -15.88 -10.79
N ALA A 329 4.90 -16.61 -11.01
CA ALA A 329 4.67 -17.25 -12.30
C ALA A 329 4.51 -16.22 -13.40
N LEU A 330 3.65 -15.23 -13.19
CA LEU A 330 3.39 -14.23 -14.21
C LEU A 330 4.59 -13.32 -14.44
N ALA A 331 5.42 -13.12 -13.42
CA ALA A 331 6.57 -12.23 -13.55
C ALA A 331 7.59 -12.75 -14.55
N GLN A 332 7.72 -14.07 -14.69
CA GLN A 332 8.89 -14.64 -15.36
C GLN A 332 8.94 -14.25 -16.83
N ASN A 333 7.79 -14.25 -17.51
CA ASN A 333 7.73 -13.86 -18.91
C ASN A 333 7.01 -12.52 -19.10
N TRP A 334 6.97 -11.70 -18.06
CA TRP A 334 6.29 -10.41 -18.15
C TRP A 334 7.01 -9.48 -19.12
N THR A 335 6.23 -8.80 -19.96
CA THR A 335 6.76 -7.81 -20.88
C THR A 335 6.62 -6.44 -20.24
N THR A 336 7.74 -5.71 -20.13
CA THR A 336 7.73 -4.41 -19.51
C THR A 336 6.65 -3.52 -20.11
N VAL A 337 5.92 -2.81 -19.24
CA VAL A 337 4.91 -1.90 -19.72
C VAL A 337 5.55 -0.69 -20.40
N ALA A 338 4.78 -0.06 -21.27
CA ALA A 338 5.25 1.11 -22.00
C ALA A 338 5.46 2.26 -21.02
N PRO A 339 6.18 3.30 -21.44
CA PRO A 339 6.41 4.44 -20.54
C PRO A 339 5.09 5.05 -20.09
N GLN A 340 5.11 5.61 -18.89
CA GLN A 340 3.90 6.15 -18.29
C GLN A 340 3.52 7.46 -18.96
N ARG A 341 2.26 7.55 -19.36
CA ARG A 341 1.69 8.79 -19.88
C ARG A 341 0.83 9.44 -18.81
N LYS A 342 0.68 10.76 -18.93
CA LYS A 342 -0.07 11.55 -17.96
C LYS A 342 -0.94 12.53 -18.73
N CYS A 343 -2.26 12.44 -18.55
CA CYS A 343 -3.22 13.29 -19.25
C CYS A 343 -3.94 14.14 -18.21
N ILE A 344 -3.78 15.46 -18.32
CA ILE A 344 -4.31 16.42 -17.36
C ILE A 344 -5.55 17.06 -17.96
N ILE A 345 -6.68 16.98 -17.26
CA ILE A 345 -7.93 17.52 -17.76
C ILE A 345 -8.52 18.43 -16.68
N ASP A 346 -8.49 19.74 -16.92
CA ASP A 346 -9.12 20.69 -15.99
C ASP A 346 -10.61 20.75 -16.29
N ILE A 347 -11.43 20.36 -15.33
CA ILE A 347 -12.84 20.07 -15.59
C ILE A 347 -13.70 21.32 -15.54
N LEU A 348 -13.55 22.14 -14.50
CA LEU A 348 -14.51 23.19 -14.23
C LEU A 348 -14.28 24.43 -15.10
N THR A 349 -15.36 25.03 -15.56
CA THR A 349 -15.32 26.35 -16.19
C THR A 349 -15.70 27.47 -15.21
N GLU A 350 -16.23 27.13 -14.05
CA GLU A 350 -16.62 28.09 -13.02
C GLU A 350 -16.76 27.35 -11.70
N PRO A 351 -16.62 28.05 -10.57
CA PRO A 351 -16.84 27.38 -9.27
C PRO A 351 -18.28 26.92 -9.15
N LYS A 352 -18.48 25.88 -8.36
CA LYS A 352 -19.80 25.28 -8.17
C LYS A 352 -20.11 25.19 -6.68
N ASP A 353 -21.26 25.72 -6.29
CA ASP A 353 -21.71 25.55 -4.91
C ASP A 353 -22.07 24.09 -4.66
N ILE A 354 -21.68 23.57 -3.50
CA ILE A 354 -21.92 22.17 -3.19
C ILE A 354 -23.33 21.97 -2.68
N GLY A 355 -23.74 22.74 -1.69
CA GLY A 355 -25.08 22.56 -1.13
C GLY A 355 -25.29 21.14 -0.63
N LYS A 356 -26.51 20.64 -0.83
CA LYS A 356 -26.83 19.28 -0.38
C LYS A 356 -26.18 18.24 -1.29
N ARG A 357 -26.01 18.56 -2.56
CA ARG A 357 -25.48 17.59 -3.51
C ARG A 357 -24.99 18.33 -4.75
N LEU A 358 -23.87 17.87 -5.29
CA LEU A 358 -23.31 18.42 -6.52
C LEU A 358 -22.86 17.27 -7.40
N GLU A 359 -23.25 17.30 -8.66
CA GLU A 359 -22.83 16.33 -9.65
C GLU A 359 -22.17 17.08 -10.79
N VAL A 360 -20.94 16.72 -11.12
CA VAL A 360 -20.20 17.31 -12.23
C VAL A 360 -19.94 16.21 -13.26
N ARG A 361 -20.46 16.40 -14.47
CA ARG A 361 -20.29 15.46 -15.56
C ARG A 361 -19.37 16.08 -16.60
N LYS A 362 -18.42 15.30 -17.10
CA LYS A 362 -17.51 15.81 -18.12
C LYS A 362 -17.12 14.67 -19.05
N THR A 363 -17.29 14.89 -20.35
CA THR A 363 -16.85 13.92 -21.35
C THR A 363 -15.44 14.32 -21.78
N VAL A 364 -14.52 13.37 -21.72
CA VAL A 364 -13.12 13.65 -22.00
C VAL A 364 -12.63 12.75 -23.13
N THR A 365 -11.61 13.22 -23.83
CA THR A 365 -10.98 12.45 -24.89
C THR A 365 -9.70 11.76 -24.44
N ALA A 366 -9.25 12.02 -23.20
CA ALA A 366 -8.04 11.43 -22.66
C ALA A 366 -6.85 11.73 -23.55
N CYS A 367 -6.73 12.99 -23.97
CA CYS A 367 -5.57 13.47 -24.72
C CYS A 367 -5.46 12.79 -26.08
N LEU A 368 -6.61 12.58 -26.70
CA LEU A 368 -6.65 12.02 -28.05
C LEU A 368 -5.80 12.86 -29.01
N GLY A 369 -5.05 12.17 -29.85
CA GLY A 369 -4.20 12.79 -30.83
C GLY A 369 -2.89 13.34 -30.31
N GLU A 370 -2.58 13.14 -29.04
CA GLU A 370 -1.39 13.70 -28.41
C GLU A 370 -0.51 12.57 -27.91
N PRO A 371 0.76 12.88 -27.61
CA PRO A 371 1.67 11.83 -27.11
C PRO A 371 1.26 11.26 -25.75
N ASN A 372 0.45 11.97 -24.98
N ASN A 372 0.46 11.98 -24.98
CA ASN A 372 -0.04 11.46 -23.71
CA ASN A 372 -0.04 11.49 -23.70
C ASN A 372 -1.44 10.87 -23.82
C ASN A 372 -1.41 10.82 -23.81
N HIS A 373 -1.86 10.49 -25.02
CA HIS A 373 -3.13 9.80 -25.20
C HIS A 373 -3.11 8.50 -24.38
N ILE A 374 -4.15 8.30 -23.57
CA ILE A 374 -4.27 7.10 -22.73
C ILE A 374 -5.50 6.32 -23.13
N THR A 375 -5.29 5.08 -23.56
CA THR A 375 -6.38 4.13 -23.75
C THR A 375 -6.40 3.06 -22.68
N ARG A 376 -5.34 2.95 -21.87
CA ARG A 376 -5.18 1.92 -20.85
C ARG A 376 -4.86 2.60 -19.54
N LEU A 377 -5.87 2.80 -18.70
CA LEU A 377 -5.68 3.55 -17.48
C LEU A 377 -4.87 2.72 -16.46
N GLU A 378 -4.05 3.42 -15.67
CA GLU A 378 -3.49 2.85 -14.46
C GLU A 378 -4.16 3.58 -13.30
N HIS A 379 -3.49 4.49 -12.63
CA HIS A 379 -4.12 5.30 -11.60
C HIS A 379 -4.91 6.44 -12.22
N ALA A 380 -5.98 6.86 -11.53
CA ALA A 380 -6.69 8.08 -11.86
C ALA A 380 -6.82 8.91 -10.59
N GLN A 381 -6.65 10.21 -10.73
CA GLN A 381 -6.81 11.13 -9.62
C GLN A 381 -7.87 12.16 -9.93
N ALA A 382 -8.67 12.49 -8.92
CA ALA A 382 -9.53 13.67 -8.93
C ALA A 382 -8.90 14.65 -7.95
N ARG A 383 -8.18 15.65 -8.47
CA ARG A 383 -7.52 16.64 -7.62
C ARG A 383 -8.53 17.74 -7.36
N LEU A 384 -9.01 17.82 -6.12
CA LEU A 384 -10.11 18.68 -5.76
C LEU A 384 -9.66 19.80 -4.84
N THR A 385 -10.11 21.01 -5.13
CA THR A 385 -10.00 22.15 -4.23
C THR A 385 -11.41 22.61 -3.89
N LEU A 386 -11.76 22.57 -2.61
CA LEU A 386 -13.10 22.95 -2.21
C LEU A 386 -13.08 23.50 -0.79
N SER A 387 -14.09 24.30 -0.49
CA SER A 387 -14.37 24.77 0.85
C SER A 387 -15.64 24.09 1.35
N TYR A 388 -15.71 23.88 2.66
CA TYR A 388 -16.89 23.29 3.26
C TYR A 388 -16.84 23.54 4.75
N ASN A 389 -18.01 23.64 5.37
CA ASN A 389 -18.04 24.00 6.79
C ASN A 389 -17.72 22.82 7.70
N ARG A 390 -18.10 21.60 7.34
N ARG A 390 -18.08 21.60 7.32
CA ARG A 390 -17.76 20.42 8.13
CA ARG A 390 -17.77 20.41 8.12
C ARG A 390 -17.32 19.31 7.18
C ARG A 390 -17.32 19.29 7.19
N ARG A 391 -16.01 19.14 7.06
CA ARG A 391 -15.46 18.28 6.01
C ARG A 391 -15.97 16.84 6.10
N GLY A 392 -16.07 16.31 7.32
CA GLY A 392 -16.43 14.92 7.49
C GLY A 392 -17.85 14.56 7.07
N ASP A 393 -18.70 15.55 6.81
CA ASP A 393 -20.04 15.25 6.32
C ASP A 393 -20.04 14.98 4.82
N LEU A 394 -18.92 15.21 4.13
CA LEU A 394 -18.88 15.01 2.69
C LEU A 394 -18.61 13.56 2.34
N ALA A 395 -19.32 13.07 1.33
CA ALA A 395 -18.96 11.85 0.62
C ALA A 395 -18.73 12.22 -0.83
N ILE A 396 -17.70 11.65 -1.42
CA ILE A 396 -17.28 11.98 -2.79
C ILE A 396 -17.12 10.69 -3.57
N HIS A 397 -17.74 10.63 -4.75
CA HIS A 397 -17.65 9.47 -5.62
C HIS A 397 -17.25 9.93 -7.01
N LEU A 398 -16.51 9.07 -7.71
CA LEU A 398 -16.07 9.30 -9.08
C LEU A 398 -16.44 8.08 -9.91
N VAL A 399 -17.17 8.29 -11.01
CA VAL A 399 -17.61 7.23 -11.87
C VAL A 399 -16.88 7.33 -13.19
N SER A 400 -16.25 6.24 -13.61
CA SER A 400 -15.49 6.21 -14.85
C SER A 400 -16.44 5.98 -16.03
N PRO A 401 -15.97 6.27 -17.26
CA PRO A 401 -16.82 6.01 -18.43
C PRO A 401 -17.30 4.58 -18.54
N MET A 402 -16.54 3.62 -18.01
N MET A 402 -16.55 3.61 -18.01
CA MET A 402 -16.97 2.23 -18.02
CA MET A 402 -16.97 2.22 -18.01
C MET A 402 -17.94 1.89 -16.89
C MET A 402 -17.81 1.87 -16.79
N GLY A 403 -18.35 2.86 -16.08
CA GLY A 403 -19.36 2.64 -15.08
C GLY A 403 -18.83 2.24 -13.70
N THR A 404 -17.53 2.33 -13.46
CA THR A 404 -16.96 1.92 -12.19
C THR A 404 -17.04 3.10 -11.22
N ARG A 405 -17.77 2.90 -10.13
CA ARG A 405 -17.98 3.95 -9.13
C ARG A 405 -16.94 3.80 -8.03
N SER A 406 -16.01 4.76 -7.95
CA SER A 406 -15.01 4.80 -6.91
C SER A 406 -15.45 5.76 -5.82
N THR A 407 -15.44 5.29 -4.58
CA THR A 407 -15.61 6.18 -3.43
C THR A 407 -14.27 6.84 -3.14
N LEU A 408 -14.16 8.12 -3.49
CA LEU A 408 -12.95 8.88 -3.18
C LEU A 408 -12.92 9.29 -1.70
N LEU A 409 -14.08 9.54 -1.11
CA LEU A 409 -14.16 9.97 0.28
C LEU A 409 -15.50 9.51 0.83
N ALA A 410 -15.47 8.73 1.91
CA ALA A 410 -16.66 8.39 2.65
C ALA A 410 -16.82 9.34 3.83
N ALA A 411 -18.03 9.41 4.38
CA ALA A 411 -18.27 10.24 5.54
C ALA A 411 -17.28 9.89 6.65
N ARG A 412 -16.76 10.93 7.32
CA ARG A 412 -15.85 10.77 8.45
C ARG A 412 -16.46 11.49 9.64
N PRO A 413 -17.17 10.77 10.53
CA PRO A 413 -17.91 11.45 11.59
C PRO A 413 -17.08 12.35 12.49
N HIS A 414 -15.78 12.06 12.65
CA HIS A 414 -14.96 12.85 13.55
C HIS A 414 -14.27 14.03 12.86
N ASP A 415 -14.41 14.16 11.54
CA ASP A 415 -13.71 15.22 10.82
C ASP A 415 -14.60 16.46 10.85
N TYR A 416 -14.38 17.30 11.85
CA TYR A 416 -15.14 18.54 12.01
C TYR A 416 -14.51 19.73 11.26
N SER A 417 -13.43 19.51 10.52
CA SER A 417 -12.62 20.60 10.01
C SER A 417 -13.41 21.49 9.05
N ALA A 418 -13.19 22.79 9.15
CA ALA A 418 -13.70 23.75 8.19
C ALA A 418 -12.66 24.14 7.15
N ASP A 419 -11.57 23.38 7.03
CA ASP A 419 -10.48 23.73 6.12
C ASP A 419 -10.62 23.12 4.72
N GLY A 420 -11.60 22.26 4.50
CA GLY A 420 -11.82 21.75 3.15
C GLY A 420 -10.64 20.98 2.62
N PHE A 421 -10.53 20.94 1.28
CA PHE A 421 -9.46 20.22 0.61
C PHE A 421 -8.73 21.19 -0.32
N ASN A 422 -7.41 21.22 -0.23
CA ASN A 422 -6.60 22.15 -1.00
C ASN A 422 -5.83 21.34 -2.05
N ASP A 423 -6.42 21.23 -3.25
CA ASP A 423 -5.86 20.45 -4.35
C ASP A 423 -5.44 19.06 -3.87
N TRP A 424 -6.36 18.36 -3.21
CA TRP A 424 -6.07 17.03 -2.68
C TRP A 424 -6.31 16.00 -3.78
N ALA A 425 -5.32 15.16 -4.03
CA ALA A 425 -5.35 14.25 -5.19
C ALA A 425 -5.92 12.88 -4.81
N PHE A 426 -7.24 12.84 -4.60
CA PHE A 426 -7.93 11.59 -4.37
C PHE A 426 -7.63 10.60 -5.49
N MET A 427 -7.18 9.41 -5.14
CA MET A 427 -6.71 8.44 -6.12
C MET A 427 -7.56 7.18 -6.09
N THR A 428 -7.82 6.63 -7.28
CA THR A 428 -8.47 5.34 -7.36
C THR A 428 -7.67 4.40 -8.25
N THR A 429 -7.58 3.14 -7.79
CA THR A 429 -7.00 2.05 -8.56
C THR A 429 -8.07 1.21 -9.25
N HIS A 430 -9.35 1.51 -8.99
CA HIS A 430 -10.44 0.60 -9.38
C HIS A 430 -10.74 0.62 -10.88
N SER A 431 -10.18 1.53 -11.64
CA SER A 431 -10.41 1.59 -13.08
C SER A 431 -9.18 1.19 -13.87
N TRP A 432 -8.19 0.60 -13.21
CA TRP A 432 -7.02 0.03 -13.85
C TRP A 432 -7.39 -0.78 -15.09
N ASP A 433 -6.71 -0.49 -16.19
CA ASP A 433 -6.83 -1.12 -17.50
C ASP A 433 -8.10 -0.71 -18.27
N GLU A 434 -8.95 0.13 -17.69
CA GLU A 434 -10.07 0.66 -18.44
C GLU A 434 -9.62 1.72 -19.44
N ASP A 435 -10.45 1.90 -20.46
CA ASP A 435 -10.31 3.04 -21.37
C ASP A 435 -10.94 4.26 -20.72
N PRO A 436 -10.17 5.31 -20.42
CA PRO A 436 -10.71 6.47 -19.71
C PRO A 436 -11.41 7.49 -20.61
N SER A 437 -11.55 7.21 -21.90
CA SER A 437 -12.27 8.11 -22.78
C SER A 437 -13.77 8.05 -22.48
N GLY A 438 -14.42 9.21 -22.49
CA GLY A 438 -15.85 9.24 -22.24
C GLY A 438 -16.25 10.06 -21.03
N GLU A 439 -17.44 9.79 -20.51
CA GLU A 439 -18.03 10.61 -19.46
C GLU A 439 -17.52 10.16 -18.09
N TRP A 440 -16.89 11.08 -17.37
CA TRP A 440 -16.59 10.93 -15.95
C TRP A 440 -17.62 11.72 -15.17
N VAL A 441 -18.01 11.20 -14.01
CA VAL A 441 -18.97 11.86 -13.14
C VAL A 441 -18.38 11.97 -11.75
N LEU A 442 -18.32 13.20 -11.23
CA LEU A 442 -17.94 13.46 -9.85
C LEU A 442 -19.19 13.81 -9.05
N GLU A 443 -19.37 13.15 -7.92
CA GLU A 443 -20.51 13.36 -7.04
C GLU A 443 -19.97 13.80 -5.68
N ILE A 444 -20.46 14.93 -5.19
CA ILE A 444 -20.17 15.41 -3.85
C ILE A 444 -21.50 15.60 -3.15
N GLU A 445 -21.69 14.94 -2.00
CA GLU A 445 -22.95 15.06 -1.30
C GLU A 445 -22.73 15.28 0.19
N ASN A 446 -23.69 15.97 0.78
CA ASN A 446 -23.74 16.18 2.22
C ASN A 446 -24.50 14.99 2.82
N THR A 447 -23.79 14.17 3.61
CA THR A 447 -24.39 12.97 4.17
C THR A 447 -25.14 13.23 5.47
N SER A 448 -25.24 14.49 5.92
CA SER A 448 -25.91 14.84 7.15
C SER A 448 -27.13 15.70 6.85
N GLU A 449 -28.00 15.81 7.86
CA GLU A 449 -29.17 16.67 7.76
C GLU A 449 -28.83 18.14 7.99
N ALA A 450 -27.60 18.44 8.37
CA ALA A 450 -27.22 19.83 8.65
C ALA A 450 -27.22 20.66 7.38
N ASN A 451 -27.45 21.96 7.54
CA ASN A 451 -27.45 22.90 6.43
C ASN A 451 -26.00 23.34 6.20
N ASN A 452 -25.23 22.45 5.59
CA ASN A 452 -23.83 22.72 5.31
C ASN A 452 -23.68 23.48 4.00
N TYR A 453 -22.51 24.08 3.81
CA TYR A 453 -22.29 25.00 2.69
C TYR A 453 -20.83 24.97 2.29
N GLY A 454 -20.60 25.17 1.01
CA GLY A 454 -19.25 25.23 0.49
C GLY A 454 -19.25 25.33 -1.01
N THR A 455 -18.05 25.39 -1.56
CA THR A 455 -17.86 25.62 -2.99
C THR A 455 -16.73 24.76 -3.51
N LEU A 456 -16.97 24.10 -4.65
CA LEU A 456 -15.92 23.40 -5.38
C LEU A 456 -15.30 24.39 -6.38
N THR A 457 -14.01 24.68 -6.22
CA THR A 457 -13.38 25.69 -7.08
C THR A 457 -12.43 25.09 -8.11
N LYS A 458 -11.98 23.85 -7.93
CA LYS A 458 -11.11 23.23 -8.91
C LYS A 458 -11.31 21.72 -8.88
N PHE A 459 -11.39 21.13 -10.07
CA PHE A 459 -11.48 19.68 -10.24
C PHE A 459 -10.57 19.36 -11.42
N THR A 460 -9.39 18.82 -11.14
CA THR A 460 -8.48 18.35 -12.17
C THR A 460 -8.56 16.83 -12.21
N LEU A 461 -8.96 16.29 -13.35
CA LEU A 461 -8.90 14.84 -13.57
C LEU A 461 -7.53 14.52 -14.15
N VAL A 462 -6.74 13.73 -13.42
CA VAL A 462 -5.41 13.35 -13.87
C VAL A 462 -5.42 11.86 -14.14
N LEU A 463 -5.12 11.49 -15.38
CA LEU A 463 -5.11 10.11 -15.83
C LEU A 463 -3.68 9.70 -16.08
N TYR A 464 -3.30 8.54 -15.55
CA TYR A 464 -2.03 7.92 -15.86
C TYR A 464 -2.27 6.62 -16.60
N GLY A 465 -1.37 6.26 -17.50
CA GLY A 465 -1.48 4.97 -18.15
C GLY A 465 -0.73 4.94 -19.47
N THR A 466 -1.16 4.03 -20.34
CA THR A 466 -0.50 3.81 -21.62
C THR A 466 -1.54 3.74 -22.74
N ALA A 467 -1.08 3.41 -23.94
CA ALA A 467 -1.97 3.27 -25.08
C ALA A 467 -1.72 1.95 -25.81
N SER A 468 -1.25 0.94 -25.11
CA SER A 468 -0.93 -0.32 -25.77
C SER A 468 -0.91 -1.46 -24.77
N GLY A 469 -1.17 -2.67 -25.28
CA GLY A 469 -0.90 -3.89 -24.53
C GLY A 469 -2.00 -4.39 -23.63
N SER A 470 -3.26 -4.16 -23.99
CA SER A 470 -4.35 -4.66 -23.17
C SER A 470 -4.56 -6.16 -23.41
N LEU A 471 -5.08 -6.84 -22.39
CA LEU A 471 -5.54 -8.21 -22.49
C LEU A 471 -7.07 -8.23 -22.44
N VAL A 472 -7.64 -9.36 -22.83
CA VAL A 472 -9.10 -9.50 -22.85
C VAL A 472 -9.63 -9.42 -21.42
N PRO A 473 -10.69 -8.62 -21.15
CA PRO A 473 -11.29 -8.54 -19.82
C PRO A 473 -11.49 -9.88 -19.14
CA 3U0 B 1 2.72 13.37 13.50
N1 3U0 B 1 5.56 16.79 8.98
O 3U0 B 1 1.63 11.85 11.98
C 3U0 B 1 2.61 12.05 12.72
N2 3U0 B 1 5.66 15.88 6.84
C3 3U0 B 1 3.47 14.25 12.72
N3 3U0 B 1 6.47 14.62 8.67
C4 3U0 B 1 2.88 14.96 11.66
C5 3U0 B 1 4.82 14.42 12.99
C6 3U0 B 1 3.64 15.82 10.89
C7 3U0 B 1 5.00 15.98 11.17
C8 3U0 B 1 5.58 15.29 12.22
C9 3U0 B 1 5.80 16.86 10.43
C10 3U0 B 1 5.90 15.76 8.17
HA2 3U0 B 1 1.74 13.78 13.69
HA1 3U0 B 1 3.23 13.19 14.45
H3 3U0 B 1 5.10 17.59 8.58
H5 3U0 B 1 5.23 16.71 6.48
H6 3U0 B 1 5.90 15.13 6.22
H7 3U0 B 1 6.65 14.55 9.65
H8 3U0 B 1 1.81 14.81 11.45
H9 3U0 B 1 5.29 13.85 13.79
H10 3U0 B 1 3.18 16.38 10.07
H11 3U0 B 1 6.64 15.43 12.45
H12 3U0 B 1 6.84 16.62 10.63
H13 3U0 B 1 5.58 17.87 10.76
N GGB B 2 3.65 11.23 12.84
CA GGB B 2 3.72 9.92 12.13
CB GGB B 2 5.01 9.83 11.32
CG GGB B 2 5.01 10.92 10.24
C GGB B 2 3.64 8.85 13.19
OD GGB B 2 3.86 10.75 9.39
NE GGB B 2 3.91 11.74 8.26
CZ GGB B 2 3.01 12.73 8.26
NH1 GGB B 2 2.09 12.81 9.21
NH2 GGB B 2 3.01 13.62 7.26
O GGB B 2 4.50 8.75 14.05
H GGB B 2 4.41 11.48 13.43
HA GGB B 2 2.90 9.81 11.42
HCB1 GGB B 2 5.06 8.85 10.85
HCB2 GGB B 2 5.86 9.96 11.98
HCG1 GGB B 2 5.92 10.85 9.65
HCG2 GGB B 2 4.97 11.90 10.73
HNE GGB B 2 4.62 11.64 7.55
HN1 GGB B 2 2.08 12.15 9.96
HN21 GGB B 2 2.31 14.35 7.25
HN22 GGB B 2 3.69 13.57 6.54
N TBG B 3 2.57 8.04 13.09
CA TBG B 3 2.30 6.99 14.08
CB TBG B 3 0.84 7.15 14.56
CG1 TBG B 3 0.60 8.57 15.02
CG2 TBG B 3 -0.15 6.84 13.44
CG3 TBG B 3 0.57 6.18 15.72
C TBG B 3 2.53 5.57 13.52
O TBG B 3 2.27 5.32 12.35
H TBG B 3 1.90 8.19 12.36
HA TBG B 3 3.00 7.10 14.90
HG11 TBG B 3 0.75 9.26 14.18
HG12 TBG B 3 1.30 8.83 15.81
HG13 TBG B 3 -0.42 8.69 15.39
HG21 TBG B 3 -0.03 5.79 13.12
HG22 TBG B 3 0.04 7.50 12.59
HG23 TBG B 3 -1.16 6.99 13.79
HG31 TBG B 3 -0.44 6.32 16.09
HG32 TBG B 3 1.28 6.38 16.54
HG33 TBG B 3 0.69 5.16 15.38
N GGB B 4 3.05 4.69 14.39
CA GGB B 4 3.28 3.28 14.01
CB GGB B 4 3.91 2.51 15.16
CG GGB B 4 5.30 3.06 15.49
C GGB B 4 1.88 2.70 13.74
OD GGB B 4 5.73 2.44 16.71
NE GGB B 4 7.11 2.77 17.10
CZ GGB B 4 7.26 3.79 17.96
NH1 GGB B 4 8.50 4.13 18.38
NH2 GGB B 4 6.21 4.49 18.38
O GGB B 4 0.98 2.90 14.54
H GGB B 4 3.23 4.96 15.34
HA GGB B 4 3.95 3.21 13.16
HCB1 GGB B 4 3.99 1.46 14.88
HCB2 GGB B 4 3.27 2.60 16.04
HCG1 GGB B 4 5.26 4.14 15.62
HCG2 GGB B 4 6.00 2.82 14.69
HNE GGB B 4 7.87 2.25 16.72
HN1 GGB B 4 8.62 4.88 19.02
HN21 GGB B 4 6.33 5.25 19.02
HN22 GGB B 4 5.28 4.24 18.06
CA OZ3 B 5 0.42 1.49 12.17
CBO OZ3 B 5 0.05 2.25 11.00
CBP OZ3 B 5 0.16 1.69 9.74
CBQ OZ3 B 5 -0.19 2.48 8.63
CBR OZ3 B 5 -0.61 3.74 8.79
CBS OZ3 B 5 -0.99 4.64 7.85
CBV OZ3 B 5 -1.18 5.59 9.88
CBW OZ3 B 5 -0.71 4.28 10.00
CBX OZ3 B 5 -0.39 3.56 11.11
N OZ3 B 5 1.73 2.00 12.61
NBT OZ3 B 5 -1.00 4.50 6.54
NBU OZ3 B 5 -1.33 5.80 8.42
HA2 OZ3 B 5 0.50 0.43 11.91
HBP OZ3 B 5 0.51 0.66 9.61
HBQ OZ3 B 5 -0.12 2.06 7.62
HG8 OZ3 B 5 -0.47 6.29 10.30
HBV OZ3 B 5 -2.14 5.70 10.40
HBX OZ3 B 5 -0.47 4.02 12.09
H OZ3 B 5 2.49 1.79 11.99
H3 OZ3 B 5 -1.31 5.27 5.97
HBT OZ3 B 5 -0.71 3.66 6.12
HBU OZ3 B 5 -1.62 6.65 7.96
HA1 OZ3 B 5 -0.32 1.62 12.95
CA CA C . 21.86 4.21 16.14
CA CA D . 13.36 -19.11 11.78
CA CA E . -5.71 6.54 8.17
NA NA F . -0.54 4.00 -2.98
NA NA G . 13.35 5.52 -14.78
NA NA H . -15.33 5.56 -23.39
CL CL I . 3.35 13.14 -12.23
S DMS J . -6.43 19.43 3.22
O DMS J . -6.36 19.44 1.70
C1 DMS J . -4.79 19.10 3.90
C2 DMS J . -6.70 21.14 3.76
H11 DMS J . -4.48 18.13 3.62
H12 DMS J . -4.82 19.16 4.96
H13 DMS J . -4.10 19.81 3.52
H21 DMS J . -7.62 21.50 3.37
H22 DMS J . -5.91 21.75 3.40
H23 DMS J . -6.72 21.18 4.81
S DMS K . -18.06 -4.26 4.86
O DMS K . -18.22 -4.80 3.47
C1 DMS K . -17.54 -2.53 4.72
C2 DMS K . -19.72 -4.01 5.55
H11 DMS K . -16.58 -2.49 4.27
H12 DMS K . -17.51 -2.09 5.68
H13 DMS K . -18.22 -2.00 4.11
H21 DMS K . -20.19 -4.95 5.70
H22 DMS K . -20.30 -3.42 4.89
H23 DMS K . -19.64 -3.51 6.48
#